data_5V4X
#
_entry.id   5V4X
#
_cell.length_a   48.874
_cell.length_b   77.855
_cell.length_c   119.927
_cell.angle_alpha   90.000
_cell.angle_beta   90.000
_cell.angle_gamma   90.000
#
_symmetry.space_group_name_H-M   'P 21 21 21'
#
loop_
_entity.id
_entity.type
_entity.pdbx_description
1 polymer Glucokinase
2 non-polymer alpha-D-glucopyranose
3 non-polymer (2S)-3-cyclohexyl-2-[4-(cyclopentylsulfonyl)-2-oxopyridin-1(2H)-yl]-N-(1,3-thiazol-2-yl)propanamide
4 non-polymer 'IODIDE ION'
5 water water
#
_entity_poly.entity_id   1
_entity_poly.type   'polypeptide(L)'
_entity_poly.pdbx_seq_one_letter_code
;MKPMPLTLVEQILAEFQLQEEDLKKVMRRMQKEMDRGLRLETHEEASVKMLPTYVRSTPEGSEVGDFLSLDLGGTNFRVM
LVKVGEGEEGQWSVKTKHQMYSIPEDAMTGTAEMLFDYISECISDFLDKHQMKHKKLPLGFTFSFPVRHEDIDKGILLNW
TKGFKASGAEGNNVVGLLRDAIKRRGDFEMDVVAMVNDTVATMISCYYEDHQCEVGMIVGTGCNACYMEEMQNVELVEGD
EGRMCVNTEWGAFGDSGELDEFLLEYDRLVDESSANPGQQLYEKLIGGKYMGELVRLVLLRLVDENLLFHGEASEQLRTR
GAFETRFVSQVESDTGDRKQIYNILSTLGLRPSTTDCDIVRRACESVSTRAAHMCSAGLAGVINRMRESRSEDVMRITVG
VDGSVYKLHPSFKERFHASVRRLTPSCEITFIESEEGSGRGAALVSAVACKKACMLGQ
;
_entity_poly.pdbx_strand_id   A
#
# COMPACT_ATOMS: atom_id res chain seq x y z
N LYS A 2 26.54 19.91 -8.23
CA LYS A 2 25.79 20.35 -7.00
C LYS A 2 26.56 21.31 -6.06
N PRO A 3 25.84 22.26 -5.40
CA PRO A 3 26.52 23.26 -4.56
C PRO A 3 26.88 22.77 -3.15
N MET A 4 27.78 23.50 -2.48
CA MET A 4 28.06 23.24 -1.06
C MET A 4 26.85 23.55 -0.18
N PRO A 5 26.30 22.52 0.53
CA PRO A 5 25.08 22.68 1.32
C PRO A 5 25.30 23.53 2.57
N LEU A 6 24.21 24.05 3.12
CA LEU A 6 24.27 24.83 4.35
C LEU A 6 24.47 23.91 5.55
N THR A 7 25.47 24.22 6.37
CA THR A 7 25.84 23.39 7.53
C THR A 7 24.72 23.22 8.58
N LEU A 8 24.09 24.34 8.96
CA LEU A 8 23.04 24.37 10.00
C LEU A 8 21.74 23.67 9.57
N VAL A 9 21.43 23.74 8.29
CA VAL A 9 20.31 23.01 7.71
C VAL A 9 20.64 21.52 7.77
N GLU A 10 21.85 21.15 7.32
CA GLU A 10 22.22 19.74 7.27
C GLU A 10 22.26 19.08 8.65
N GLN A 11 22.56 19.86 9.69
CA GLN A 11 22.50 19.39 11.08
C GLN A 11 21.07 19.06 11.53
N ILE A 12 20.09 19.83 11.06
CA ILE A 12 18.71 19.51 11.36
C ILE A 12 18.24 18.30 10.54
N LEU A 13 18.56 18.28 9.26
CA LEU A 13 18.12 17.20 8.40
C LEU A 13 18.76 15.84 8.72
N ALA A 14 19.97 15.87 9.28
CA ALA A 14 20.71 14.69 9.74
C ALA A 14 19.97 13.89 10.80
N GLU A 15 19.05 14.53 11.53
CA GLU A 15 18.16 13.85 12.49
C GLU A 15 17.46 12.65 11.85
N PHE A 16 17.08 12.79 10.58
CA PHE A 16 16.35 11.75 9.87
C PHE A 16 17.15 10.51 9.46
N GLN A 17 18.48 10.59 9.53
CA GLN A 17 19.34 9.48 9.14
C GLN A 17 19.10 8.28 10.02
N LEU A 18 19.10 7.12 9.39
CA LEU A 18 19.08 5.88 10.11
C LEU A 18 20.29 5.04 9.69
N GLN A 19 21.11 4.69 10.68
CA GLN A 19 22.26 3.84 10.45
C GLN A 19 21.81 2.41 10.20
N GLU A 20 22.68 1.60 9.60
CA GLU A 20 22.42 0.18 9.36
C GLU A 20 22.10 -0.54 10.69
N GLU A 21 22.82 -0.18 11.76
CA GLU A 21 22.58 -0.75 13.09
C GLU A 21 21.16 -0.43 13.58
N ASP A 22 20.68 0.79 13.28
CA ASP A 22 19.32 1.22 13.59
C ASP A 22 18.30 0.37 12.82
N LEU A 23 18.54 0.21 11.51
CA LEU A 23 17.66 -0.56 10.64
C LEU A 23 17.57 -2.03 11.03
N LYS A 24 18.71 -2.60 11.38
CA LYS A 24 18.76 -3.96 11.92
C LYS A 24 17.99 -4.06 13.23
N LYS A 25 18.15 -3.09 14.11
CA LYS A 25 17.38 -3.05 15.37
C LYS A 25 15.85 -2.99 15.09
N VAL A 26 15.40 -2.10 14.21
CA VAL A 26 13.95 -2.03 13.87
C VAL A 26 13.47 -3.36 13.29
N MET A 27 14.31 -3.95 12.43
CA MET A 27 13.98 -5.17 11.74
C MET A 27 13.77 -6.33 12.73
N ARG A 28 14.69 -6.45 13.70
CA ARG A 28 14.64 -7.51 14.69
C ARG A 28 13.37 -7.32 15.51
N ARG A 29 13.10 -6.07 15.90
CA ARG A 29 11.91 -5.74 16.65
C ARG A 29 10.64 -6.12 15.87
N MET A 30 10.62 -5.78 14.57
CA MET A 30 9.51 -6.19 13.68
C MET A 30 9.36 -7.71 13.65
N GLN A 31 10.47 -8.41 13.57
CA GLN A 31 10.44 -9.86 13.49
C GLN A 31 9.83 -10.48 14.74
N LYS A 32 10.14 -9.94 15.92
CA LYS A 32 9.55 -10.39 17.19
C LYS A 32 8.04 -10.12 17.26
N GLU A 33 7.61 -8.97 16.74
CA GLU A 33 6.18 -8.66 16.70
C GLU A 33 5.42 -9.55 15.71
N MET A 34 6.02 -9.83 14.56
CA MET A 34 5.46 -10.81 13.62
C MET A 34 5.31 -12.20 14.24
N ASP A 35 6.29 -12.62 15.04
CA ASP A 35 6.23 -13.87 15.77
C ASP A 35 5.08 -13.92 16.73
N ARG A 36 4.86 -12.82 17.44
CA ARG A 36 3.76 -12.69 18.39
C ARG A 36 2.44 -12.81 17.67
N GLY A 37 2.34 -12.16 16.50
CA GLY A 37 1.12 -12.16 15.71
C GLY A 37 0.71 -13.53 15.24
N LEU A 38 1.71 -14.32 14.86
CA LEU A 38 1.51 -15.69 14.32
C LEU A 38 1.10 -16.74 15.33
N ARG A 39 1.51 -16.55 16.58
CA ARG A 39 1.30 -17.56 17.60
C ARG A 39 -0.09 -17.47 18.23
N LEU A 40 -0.76 -18.61 18.40
CA LEU A 40 -2.08 -18.65 19.07
C LEU A 40 -2.07 -17.95 20.42
N GLU A 41 -1.02 -18.19 21.18
CA GLU A 41 -0.91 -17.73 22.56
C GLU A 41 -0.89 -16.22 22.64
N THR A 42 -0.29 -15.58 21.65
CA THR A 42 -0.01 -14.14 21.72
C THR A 42 -0.75 -13.30 20.68
N HIS A 43 -1.48 -13.94 19.77
CA HIS A 43 -2.09 -13.24 18.64
C HIS A 43 -3.01 -12.09 19.07
N GLU A 44 -3.81 -12.32 20.11
CA GLU A 44 -4.78 -11.31 20.55
C GLU A 44 -4.12 -10.05 21.07
N GLU A 45 -2.99 -10.20 21.74
CA GLU A 45 -2.27 -9.06 22.29
C GLU A 45 -1.27 -8.46 21.31
N ALA A 46 -0.94 -9.23 20.26
CA ALA A 46 -0.03 -8.77 19.22
C ALA A 46 -0.59 -7.50 18.58
N SER A 47 0.31 -6.55 18.36
CA SER A 47 -0.02 -5.33 17.67
C SER A 47 0.05 -5.58 16.15
N VAL A 48 0.97 -6.46 15.73
CA VAL A 48 1.11 -6.85 14.33
C VAL A 48 0.31 -8.14 14.17
N LYS A 49 -0.86 -8.06 13.56
CA LYS A 49 -1.82 -9.17 13.63
C LYS A 49 -1.49 -10.40 12.80
N MET A 50 -0.71 -10.22 11.73
CA MET A 50 -0.32 -11.38 10.92
C MET A 50 -1.54 -12.20 10.53
N LEU A 51 -2.52 -11.56 9.90
CA LEU A 51 -3.80 -12.21 9.64
C LEU A 51 -3.69 -13.33 8.60
N PRO A 52 -4.21 -14.54 8.92
CA PRO A 52 -4.26 -15.57 7.88
C PRO A 52 -5.22 -15.08 6.79
N THR A 53 -4.82 -15.17 5.52
CA THR A 53 -5.67 -14.64 4.43
C THR A 53 -6.48 -15.78 3.82
N TYR A 54 -6.10 -17.01 4.15
CA TYR A 54 -6.61 -18.22 3.52
C TYR A 54 -6.29 -18.35 2.04
N VAL A 55 -5.34 -17.55 1.57
CA VAL A 55 -4.83 -17.70 0.21
C VAL A 55 -3.69 -18.70 0.32
N ARG A 56 -3.93 -19.93 -0.12
CA ARG A 56 -2.97 -21.01 0.02
C ARG A 56 -2.05 -21.12 -1.19
N SER A 57 -0.89 -21.75 -0.97
CA SER A 57 0.05 -22.04 -2.06
C SER A 57 -0.44 -23.09 -3.07
N THR A 58 -1.56 -23.75 -2.79
CA THR A 58 -2.12 -24.68 -3.79
C THR A 58 -3.42 -24.15 -4.41
N PRO A 59 -3.65 -24.47 -5.70
CA PRO A 59 -4.93 -24.19 -6.35
C PRO A 59 -6.11 -24.85 -5.61
N GLU A 60 -6.83 -24.05 -4.84
CA GLU A 60 -8.02 -24.49 -4.12
C GLU A 60 -9.30 -23.93 -4.75
N GLY A 61 -10.46 -24.36 -4.23
CA GLY A 61 -11.77 -23.98 -4.75
C GLY A 61 -11.96 -24.30 -6.24
N SER A 62 -11.54 -25.50 -6.63
CA SER A 62 -11.51 -25.94 -8.04
C SER A 62 -12.86 -25.93 -8.79
N GLU A 63 -13.97 -26.03 -8.05
CA GLU A 63 -15.33 -25.95 -8.62
C GLU A 63 -15.76 -24.56 -9.14
N VAL A 64 -14.99 -23.52 -8.78
CA VAL A 64 -15.13 -22.15 -9.35
C VAL A 64 -14.40 -22.14 -10.71
N GLY A 65 -15.19 -22.17 -11.77
CA GLY A 65 -14.70 -22.16 -13.14
C GLY A 65 -14.89 -20.78 -13.71
N ASP A 66 -16.14 -20.31 -13.66
CA ASP A 66 -16.55 -19.02 -14.23
C ASP A 66 -16.90 -17.97 -13.15
N PHE A 67 -16.46 -16.72 -13.37
CA PHE A 67 -16.83 -15.64 -12.46
C PHE A 67 -16.76 -14.24 -13.10
N LEU A 68 -17.41 -13.31 -12.43
CA LEU A 68 -17.35 -11.91 -12.78
C LEU A 68 -16.24 -11.21 -12.02
N SER A 69 -15.55 -10.33 -12.71
CA SER A 69 -14.60 -9.45 -12.09
C SER A 69 -15.03 -8.01 -12.37
N LEU A 70 -15.21 -7.24 -11.29
CA LEU A 70 -15.61 -5.85 -11.40
C LEU A 70 -14.46 -4.96 -10.93
N ASP A 71 -13.85 -4.26 -11.88
CA ASP A 71 -12.69 -3.39 -11.60
C ASP A 71 -13.21 -1.97 -11.51
N LEU A 72 -13.24 -1.45 -10.30
CA LEU A 72 -13.76 -0.11 -10.05
C LEU A 72 -12.62 0.90 -10.02
N GLY A 73 -12.68 1.85 -10.96
CA GLY A 73 -11.72 2.97 -11.05
C GLY A 73 -12.36 4.30 -10.71
N GLY A 74 -11.70 5.38 -11.11
CA GLY A 74 -12.10 6.75 -10.74
C GLY A 74 -13.35 7.25 -11.43
N THR A 75 -13.31 7.28 -12.77
CA THR A 75 -14.45 7.77 -13.57
C THR A 75 -15.07 6.69 -14.44
N ASN A 76 -14.53 5.47 -14.37
CA ASN A 76 -15.18 4.31 -14.97
C ASN A 76 -14.94 2.98 -14.22
N PHE A 77 -15.32 1.88 -14.86
CA PHE A 77 -15.23 0.55 -14.27
C PHE A 77 -15.34 -0.52 -15.37
N ARG A 78 -14.69 -1.65 -15.13
CA ARG A 78 -14.69 -2.77 -16.06
C ARG A 78 -15.54 -3.90 -15.48
N VAL A 79 -16.35 -4.49 -16.34
CA VAL A 79 -17.05 -5.71 -16.04
C VAL A 79 -16.40 -6.81 -16.86
N MET A 80 -15.85 -7.81 -16.17
CA MET A 80 -15.13 -8.84 -16.88
C MET A 80 -15.63 -10.22 -16.51
N LEU A 81 -15.96 -11.01 -17.54
CA LEU A 81 -16.18 -12.44 -17.39
C LEU A 81 -14.88 -13.22 -17.54
N VAL A 82 -14.62 -14.09 -16.57
CA VAL A 82 -13.38 -14.85 -16.49
C VAL A 82 -13.70 -16.35 -16.45
N LYS A 83 -12.99 -17.12 -17.27
CA LYS A 83 -13.05 -18.59 -17.24
C LYS A 83 -11.66 -19.12 -16.91
N VAL A 84 -11.59 -19.94 -15.87
CA VAL A 84 -10.32 -20.49 -15.41
C VAL A 84 -10.32 -21.99 -15.76
N GLY A 85 -9.27 -22.42 -16.46
CA GLY A 85 -9.12 -23.83 -16.86
C GLY A 85 -7.78 -24.47 -16.50
N GLU A 86 -7.69 -25.79 -16.72
CA GLU A 86 -6.48 -26.57 -16.47
C GLU A 86 -5.55 -26.54 -17.68
N TRP A 92 -2.65 -22.32 -14.70
CA TRP A 92 -4.08 -22.03 -15.04
C TRP A 92 -4.24 -21.36 -16.39
N SER A 93 -5.35 -21.69 -17.04
CA SER A 93 -5.79 -21.09 -18.30
C SER A 93 -6.86 -20.02 -18.01
N VAL A 94 -6.42 -18.78 -17.85
CA VAL A 94 -7.30 -17.63 -17.51
C VAL A 94 -7.79 -16.89 -18.77
N LYS A 95 -9.01 -17.23 -19.21
CA LYS A 95 -9.64 -16.60 -20.38
C LYS A 95 -10.59 -15.47 -19.94
N THR A 96 -10.53 -14.34 -20.62
CA THR A 96 -11.32 -13.17 -20.24
C THR A 96 -12.04 -12.56 -21.41
N LYS A 97 -13.19 -11.96 -21.10
CA LYS A 97 -13.84 -10.99 -21.98
C LYS A 97 -14.38 -9.91 -21.08
N HIS A 98 -14.45 -8.68 -21.61
CA HIS A 98 -14.83 -7.54 -20.80
C HIS A 98 -15.54 -6.42 -21.57
N GLN A 99 -16.11 -5.50 -20.77
CA GLN A 99 -16.60 -4.21 -21.24
C GLN A 99 -16.27 -3.12 -20.24
N MET A 100 -15.87 -1.97 -20.80
CA MET A 100 -15.64 -0.76 -20.04
C MET A 100 -16.93 0.02 -19.93
N TYR A 101 -17.22 0.57 -18.76
CA TYR A 101 -18.38 1.47 -18.61
C TYR A 101 -17.96 2.75 -17.93
N SER A 102 -18.71 3.82 -18.19
CA SER A 102 -18.39 5.14 -17.67
C SER A 102 -19.30 5.43 -16.48
N ILE A 103 -18.70 5.84 -15.36
CA ILE A 103 -19.45 6.25 -14.17
C ILE A 103 -20.28 7.49 -14.53
N PRO A 104 -21.61 7.49 -14.22
CA PRO A 104 -22.45 8.61 -14.68
C PRO A 104 -21.93 9.91 -14.11
N GLU A 105 -22.13 10.99 -14.86
CA GLU A 105 -21.51 12.26 -14.48
C GLU A 105 -22.18 12.91 -13.28
N ASP A 106 -23.46 12.61 -13.12
CA ASP A 106 -24.29 13.13 -12.02
C ASP A 106 -24.27 12.21 -10.81
N ALA A 107 -23.97 10.92 -11.02
CA ALA A 107 -23.88 9.95 -9.92
C ALA A 107 -22.57 10.13 -9.15
N MET A 108 -22.26 11.40 -8.86
CA MET A 108 -21.20 11.83 -7.95
C MET A 108 -21.75 12.97 -7.05
N THR A 109 -23.01 13.34 -7.30
CA THR A 109 -23.80 14.24 -6.42
C THR A 109 -24.75 13.41 -5.57
N GLY A 110 -25.51 12.52 -6.22
CA GLY A 110 -26.45 11.60 -5.57
C GLY A 110 -25.77 10.57 -4.68
N THR A 111 -26.57 9.66 -4.13
CA THR A 111 -26.09 8.71 -3.11
C THR A 111 -25.20 7.58 -3.68
N ALA A 112 -24.42 6.97 -2.79
CA ALA A 112 -23.65 5.75 -3.09
C ALA A 112 -24.55 4.62 -3.63
N GLU A 113 -25.79 4.59 -3.15
CA GLU A 113 -26.80 3.59 -3.53
C GLU A 113 -27.24 3.69 -4.98
N MET A 114 -27.38 4.92 -5.48
CA MET A 114 -27.77 5.18 -6.87
C MET A 114 -26.68 4.78 -7.86
N LEU A 115 -25.43 5.01 -7.48
CA LEU A 115 -24.29 4.62 -8.28
C LEU A 115 -24.21 3.10 -8.47
N PHE A 116 -24.48 2.35 -7.40
CA PHE A 116 -24.43 0.90 -7.48
C PHE A 116 -25.58 0.28 -8.25
N ASP A 117 -26.73 0.97 -8.30
CA ASP A 117 -27.86 0.61 -9.17
C ASP A 117 -27.47 0.71 -10.64
N TYR A 118 -26.65 1.70 -10.95
CA TYR A 118 -26.09 1.86 -12.28
C TYR A 118 -25.04 0.78 -12.61
N ILE A 119 -24.19 0.46 -11.65
CA ILE A 119 -23.17 -0.57 -11.85
C ILE A 119 -23.89 -1.91 -12.09
N SER A 120 -24.82 -2.24 -11.20
CA SER A 120 -25.75 -3.39 -11.34
C SER A 120 -26.39 -3.52 -12.71
N GLU A 121 -26.89 -2.40 -13.22
CA GLU A 121 -27.49 -2.31 -14.54
C GLU A 121 -26.49 -2.65 -15.63
N CYS A 122 -25.27 -2.12 -15.52
CA CYS A 122 -24.23 -2.45 -16.48
C CYS A 122 -23.87 -3.93 -16.41
N ILE A 123 -23.83 -4.48 -15.20
CA ILE A 123 -23.58 -5.92 -14.98
C ILE A 123 -24.67 -6.75 -15.67
N SER A 124 -25.92 -6.32 -15.52
CA SER A 124 -27.06 -7.00 -16.15
C SER A 124 -26.92 -7.01 -17.68
N ASP A 125 -26.56 -5.85 -18.24
CA ASP A 125 -26.32 -5.68 -19.66
C ASP A 125 -25.25 -6.59 -20.19
N PHE A 126 -24.13 -6.66 -19.45
CA PHE A 126 -23.04 -7.53 -19.82
C PHE A 126 -23.51 -8.99 -19.85
N LEU A 127 -24.26 -9.38 -18.83
CA LEU A 127 -24.79 -10.74 -18.72
C LEU A 127 -25.78 -11.10 -19.83
N ASP A 128 -26.72 -10.19 -20.14
CA ASP A 128 -27.59 -10.34 -21.30
C ASP A 128 -26.82 -10.56 -22.59
N LYS A 129 -25.84 -9.69 -22.85
CA LYS A 129 -25.01 -9.75 -24.06
C LYS A 129 -24.33 -11.12 -24.25
N HIS A 130 -23.79 -11.68 -23.17
CA HIS A 130 -23.13 -12.98 -23.21
C HIS A 130 -23.99 -14.15 -22.72
N GLN A 131 -25.32 -13.92 -22.69
CA GLN A 131 -26.33 -14.92 -22.25
C GLN A 131 -25.93 -15.68 -20.97
N MET A 132 -25.60 -14.93 -19.91
CA MET A 132 -25.11 -15.49 -18.63
C MET A 132 -25.96 -15.07 -17.40
N LYS A 133 -27.12 -14.45 -17.62
CA LYS A 133 -27.95 -13.88 -16.54
C LYS A 133 -28.48 -14.86 -15.46
N HIS A 134 -28.54 -16.13 -15.84
CA HIS A 134 -29.10 -17.23 -15.02
C HIS A 134 -28.07 -17.96 -14.15
N LYS A 135 -26.78 -17.65 -14.32
CA LYS A 135 -25.68 -18.50 -13.84
C LYS A 135 -25.25 -18.48 -12.36
N LYS A 136 -25.75 -17.53 -11.57
CA LYS A 136 -25.34 -17.36 -10.16
C LYS A 136 -23.80 -17.29 -10.00
N LEU A 137 -23.16 -16.45 -10.83
CA LEU A 137 -21.71 -16.32 -10.86
C LEU A 137 -21.21 -15.62 -9.62
N PRO A 138 -20.07 -16.05 -9.10
CA PRO A 138 -19.47 -15.20 -8.09
C PRO A 138 -18.85 -13.94 -8.73
N LEU A 139 -18.77 -12.87 -7.95
CA LEU A 139 -18.21 -11.62 -8.42
C LEU A 139 -17.12 -11.19 -7.47
N GLY A 140 -15.93 -10.97 -8.04
CA GLY A 140 -14.81 -10.39 -7.32
C GLY A 140 -14.62 -8.94 -7.70
N PHE A 141 -14.39 -8.12 -6.68
CA PHE A 141 -14.11 -6.70 -6.83
C PHE A 141 -12.62 -6.41 -6.88
N THR A 142 -12.16 -5.64 -7.86
CA THR A 142 -10.79 -5.10 -7.83
C THR A 142 -10.84 -3.57 -7.97
N PHE A 143 -9.69 -2.93 -7.75
CA PHE A 143 -9.59 -1.46 -7.77
C PHE A 143 -8.55 -0.93 -8.74
N ASN A 172 -14.25 -0.48 0.69
CA ASN A 172 -14.31 -1.44 1.84
C ASN A 172 -15.71 -2.07 1.98
N ASN A 173 -16.74 -1.21 2.01
CA ASN A 173 -18.15 -1.64 2.01
C ASN A 173 -18.82 -1.46 0.65
N VAL A 174 -18.01 -1.38 -0.40
CA VAL A 174 -18.49 -1.48 -1.79
C VAL A 174 -19.16 -2.85 -2.04
N VAL A 175 -18.62 -3.91 -1.43
CA VAL A 175 -19.20 -5.25 -1.45
C VAL A 175 -20.65 -5.22 -0.98
N GLY A 176 -20.84 -4.61 0.19
CA GLY A 176 -22.18 -4.43 0.76
C GLY A 176 -23.11 -3.64 -0.13
N LEU A 177 -22.56 -2.59 -0.75
CA LEU A 177 -23.32 -1.72 -1.63
C LEU A 177 -23.71 -2.42 -2.92
N LEU A 178 -22.77 -3.19 -3.49
CA LEU A 178 -23.09 -3.94 -4.70
C LEU A 178 -24.13 -5.02 -4.40
N ARG A 179 -23.92 -5.81 -3.34
CA ARG A 179 -24.91 -6.82 -2.90
C ARG A 179 -26.31 -6.24 -2.81
N ASP A 180 -26.45 -5.13 -2.05
CA ASP A 180 -27.73 -4.39 -1.90
C ASP A 180 -28.37 -3.99 -3.22
N ALA A 181 -27.54 -3.47 -4.14
CA ALA A 181 -28.00 -3.03 -5.46
C ALA A 181 -28.43 -4.17 -6.38
N ILE A 182 -27.77 -5.32 -6.27
CA ILE A 182 -28.20 -6.53 -7.01
C ILE A 182 -29.53 -7.04 -6.42
N LYS A 183 -29.62 -7.12 -5.09
CA LYS A 183 -30.86 -7.49 -4.36
C LYS A 183 -32.00 -6.59 -4.81
N ARG A 184 -31.76 -5.28 -4.68
CA ARG A 184 -32.64 -4.20 -5.16
C ARG A 184 -33.18 -4.49 -6.56
N ARG A 185 -32.37 -5.10 -7.40
CA ARG A 185 -32.75 -5.45 -8.78
C ARG A 185 -33.58 -6.72 -8.90
N GLY A 186 -33.13 -7.81 -8.26
CA GLY A 186 -33.82 -9.09 -8.29
C GLY A 186 -33.75 -9.91 -9.58
N ASP A 187 -33.46 -9.26 -10.71
CA ASP A 187 -33.49 -9.89 -12.03
C ASP A 187 -32.31 -10.83 -12.36
N PHE A 188 -31.23 -10.74 -11.58
CA PHE A 188 -30.15 -11.72 -11.65
C PHE A 188 -29.57 -11.96 -10.27
N GLU A 189 -29.13 -13.20 -10.04
CA GLU A 189 -28.60 -13.62 -8.74
C GLU A 189 -27.07 -13.70 -8.76
N MET A 190 -26.42 -13.30 -7.67
CA MET A 190 -24.96 -13.15 -7.64
C MET A 190 -24.38 -13.28 -6.24
N ASP A 191 -23.21 -13.92 -6.13
CA ASP A 191 -22.44 -13.90 -4.89
C ASP A 191 -21.27 -12.91 -5.03
N VAL A 192 -21.49 -11.69 -4.55
CA VAL A 192 -20.39 -10.76 -4.43
C VAL A 192 -19.47 -11.27 -3.32
N VAL A 193 -18.27 -11.65 -3.68
CA VAL A 193 -17.37 -12.22 -2.69
C VAL A 193 -16.63 -11.11 -1.98
N ALA A 194 -16.14 -11.41 -0.77
CA ALA A 194 -15.23 -10.51 -0.05
C ALA A 194 -14.04 -10.14 -0.95
N MET A 195 -13.57 -8.91 -0.81
CA MET A 195 -12.36 -8.48 -1.45
C MET A 195 -11.17 -9.10 -0.73
N VAL A 196 -10.02 -9.10 -1.38
CA VAL A 196 -8.83 -9.37 -0.63
C VAL A 196 -8.24 -8.03 -0.26
N ASN A 197 -7.40 -8.03 0.78
CA ASN A 197 -6.59 -6.91 1.12
C ASN A 197 -5.72 -6.52 -0.08
N ASP A 198 -5.42 -5.22 -0.16
CA ASP A 198 -4.69 -4.66 -1.30
C ASP A 198 -3.27 -5.20 -1.44
N THR A 199 -2.65 -5.58 -0.33
CA THR A 199 -1.36 -6.22 -0.41
C THR A 199 -1.46 -7.57 -1.06
N VAL A 200 -2.50 -8.31 -0.71
CA VAL A 200 -2.74 -9.64 -1.25
C VAL A 200 -3.05 -9.58 -2.75
N ALA A 201 -3.89 -8.62 -3.14
CA ALA A 201 -4.21 -8.34 -4.54
C ALA A 201 -2.95 -8.00 -5.30
N THR A 202 -2.06 -7.21 -4.69
CA THR A 202 -0.76 -6.86 -5.31
C THR A 202 0.10 -8.10 -5.51
N MET A 203 0.22 -8.94 -4.49
CA MET A 203 0.98 -10.17 -4.61
C MET A 203 0.43 -11.06 -5.73
N ILE A 204 -0.89 -11.28 -5.74
CA ILE A 204 -1.56 -12.15 -6.69
C ILE A 204 -1.36 -11.63 -8.11
N SER A 205 -1.67 -10.34 -8.35
CA SER A 205 -1.55 -9.80 -9.69
C SER A 205 -0.12 -9.85 -10.20
N CYS A 206 0.86 -9.59 -9.33
CA CYS A 206 2.29 -9.74 -9.69
C CYS A 206 2.70 -11.19 -9.90
N TYR A 207 2.14 -12.10 -9.12
CA TYR A 207 2.41 -13.52 -9.30
C TYR A 207 2.01 -13.96 -10.70
N TYR A 208 0.89 -13.41 -11.20
CA TYR A 208 0.47 -13.66 -12.56
C TYR A 208 1.63 -13.47 -13.55
N GLU A 209 2.40 -12.39 -13.40
CA GLU A 209 3.51 -12.13 -14.33
C GLU A 209 4.83 -12.78 -13.91
N ASP A 210 4.98 -13.12 -12.62
CA ASP A 210 6.20 -13.74 -12.10
C ASP A 210 5.84 -14.72 -10.98
N HIS A 211 5.97 -16.02 -11.27
CA HIS A 211 5.52 -17.07 -10.35
C HIS A 211 6.39 -17.23 -9.11
N GLN A 212 7.49 -16.50 -9.06
CA GLN A 212 8.29 -16.40 -7.84
C GLN A 212 7.81 -15.29 -6.87
N CYS A 213 6.72 -14.61 -7.22
CA CYS A 213 6.23 -13.55 -6.36
C CYS A 213 5.53 -14.22 -5.18
N GLU A 214 6.02 -13.92 -3.98
CA GLU A 214 5.47 -14.49 -2.75
C GLU A 214 5.32 -13.42 -1.66
N VAL A 215 5.49 -12.16 -2.03
CA VAL A 215 5.30 -11.02 -1.12
C VAL A 215 4.55 -9.94 -1.87
N GLY A 216 3.55 -9.36 -1.21
CA GLY A 216 2.89 -8.17 -1.75
C GLY A 216 3.09 -7.01 -0.79
N MET A 217 3.42 -5.84 -1.32
CA MET A 217 3.64 -4.68 -0.45
C MET A 217 3.01 -3.46 -1.03
N ILE A 218 2.40 -2.68 -0.16
CA ILE A 218 1.79 -1.43 -0.53
C ILE A 218 2.53 -0.35 0.23
N VAL A 219 3.02 0.65 -0.50
CA VAL A 219 3.53 1.91 0.11
C VAL A 219 2.79 3.06 -0.58
N GLY A 220 1.64 3.40 -0.02
CA GLY A 220 0.73 4.38 -0.58
C GLY A 220 0.43 5.33 0.56
N THR A 221 -0.84 5.68 0.72
CA THR A 221 -1.31 6.44 1.88
C THR A 221 -0.99 5.74 3.20
N GLY A 222 -1.21 4.43 3.20
CA GLY A 222 -0.78 3.55 4.27
C GLY A 222 0.30 2.63 3.74
N CYS A 223 0.77 1.75 4.61
CA CYS A 223 1.86 0.84 4.25
C CYS A 223 1.60 -0.47 4.93
N ASN A 224 1.75 -1.54 4.17
CA ASN A 224 1.40 -2.89 4.64
C ASN A 224 2.10 -3.88 3.76
N ALA A 225 2.27 -5.12 4.26
CA ALA A 225 2.84 -6.18 3.46
C ALA A 225 2.15 -7.48 3.78
N CYS A 226 2.09 -8.35 2.78
CA CYS A 226 1.67 -9.73 3.01
C CYS A 226 2.73 -10.65 2.42
N TYR A 227 2.78 -11.89 2.87
CA TYR A 227 3.81 -12.81 2.37
C TYR A 227 3.36 -14.24 2.58
N MET A 228 3.93 -15.15 1.80
CA MET A 228 3.60 -16.57 1.88
C MET A 228 4.35 -17.24 3.04
N GLU A 229 3.61 -17.54 4.12
CA GLU A 229 4.17 -18.14 5.34
C GLU A 229 4.00 -19.65 5.32
N GLU A 230 4.94 -20.38 5.93
CA GLU A 230 4.83 -21.82 6.13
C GLU A 230 3.62 -22.10 7.01
N MET A 231 2.81 -23.07 6.60
CA MET A 231 1.57 -23.39 7.30
C MET A 231 1.75 -23.73 8.79
N GLN A 232 2.84 -24.45 9.10
CA GLN A 232 3.23 -24.74 10.48
C GLN A 232 3.39 -23.50 11.32
N ASN A 233 3.85 -22.40 10.71
CA ASN A 233 4.04 -21.15 11.44
C ASN A 233 2.76 -20.36 11.59
N VAL A 234 1.77 -20.66 10.74
CA VAL A 234 0.43 -20.06 10.83
C VAL A 234 -0.37 -20.86 11.86
N GLU A 235 -0.10 -20.58 13.14
CA GLU A 235 -0.75 -21.32 14.25
C GLU A 235 -2.27 -21.11 14.30
N LEU A 236 -2.77 -20.02 13.71
CA LEU A 236 -4.21 -19.75 13.76
C LEU A 236 -4.97 -20.64 12.78
N VAL A 237 -4.26 -21.35 11.92
CA VAL A 237 -4.92 -22.28 11.00
C VAL A 237 -4.30 -23.65 11.16
N GLU A 238 -5.12 -24.64 11.46
CA GLU A 238 -4.65 -26.02 11.58
C GLU A 238 -4.04 -26.49 10.26
N GLY A 239 -2.91 -27.17 10.38
CA GLY A 239 -2.27 -27.77 9.21
C GLY A 239 -0.85 -27.32 9.09
N ASP A 240 -0.04 -28.15 8.45
CA ASP A 240 1.42 -28.00 8.39
C ASP A 240 1.92 -27.98 6.94
N GLU A 241 1.02 -28.19 6.00
CA GLU A 241 1.37 -28.40 4.59
C GLU A 241 1.21 -27.16 3.71
N GLY A 242 2.27 -26.86 2.96
CA GLY A 242 2.27 -25.75 2.04
C GLY A 242 2.38 -24.41 2.77
N ARG A 243 1.83 -23.41 2.14
CA ARG A 243 1.99 -22.04 2.58
C ARG A 243 0.66 -21.33 2.53
N MET A 244 0.54 -20.29 3.33
CA MET A 244 -0.62 -19.44 3.28
C MET A 244 -0.12 -18.02 3.35
N CYS A 245 -0.75 -17.16 2.56
CA CYS A 245 -0.50 -15.76 2.61
C CYS A 245 -0.95 -15.19 3.98
N VAL A 246 -0.09 -14.40 4.58
CA VAL A 246 -0.35 -13.78 5.87
C VAL A 246 -0.33 -12.30 5.63
N ASN A 247 -1.38 -11.61 6.04
CA ASN A 247 -1.46 -10.16 5.91
C ASN A 247 -0.90 -9.54 7.20
N THR A 248 0.28 -8.95 7.15
CA THR A 248 0.97 -8.57 8.39
C THR A 248 0.18 -7.52 9.14
N GLU A 249 -0.44 -6.60 8.40
CA GLU A 249 -1.01 -5.39 8.97
C GLU A 249 0.05 -4.70 9.85
N TRP A 250 1.25 -4.56 9.29
CA TRP A 250 2.39 -4.11 10.08
C TRP A 250 2.36 -2.63 10.43
N GLY A 251 1.43 -1.88 9.83
CA GLY A 251 1.25 -0.45 10.15
C GLY A 251 1.07 -0.15 11.65
N ALA A 252 0.48 -1.09 12.38
CA ALA A 252 0.27 -1.00 13.84
C ALA A 252 1.53 -1.17 14.71
N PHE A 253 2.64 -1.61 14.12
CA PHE A 253 3.93 -1.75 14.80
C PHE A 253 4.31 -0.42 15.47
N GLY A 254 4.72 -0.50 16.73
CA GLY A 254 5.15 0.68 17.46
C GLY A 254 4.36 0.98 18.72
N ASP A 255 3.20 0.35 18.87
CA ASP A 255 2.37 0.32 20.11
C ASP A 255 3.09 0.25 21.45
N SER A 256 4.13 -0.59 21.50
CA SER A 256 4.84 -0.87 22.74
C SER A 256 6.14 -0.08 22.86
N GLY A 257 6.31 0.91 22.00
CA GLY A 257 7.52 1.71 22.04
C GLY A 257 8.66 1.15 21.24
N GLU A 258 8.37 0.20 20.35
CA GLU A 258 9.39 -0.37 19.46
C GLU A 258 10.08 0.68 18.59
N LEU A 259 9.42 1.84 18.37
CA LEU A 259 9.96 2.88 17.50
C LEU A 259 10.37 4.15 18.22
N ASP A 260 10.08 4.20 19.52
CA ASP A 260 10.23 5.43 20.33
C ASP A 260 11.60 6.06 20.21
N GLU A 261 12.66 5.24 20.18
CA GLU A 261 14.00 5.80 20.06
C GLU A 261 14.32 6.37 18.66
N PHE A 262 13.42 6.18 17.71
CA PHE A 262 13.65 6.68 16.36
C PHE A 262 12.74 7.83 16.02
N LEU A 263 11.79 8.12 16.90
CA LEU A 263 10.83 9.18 16.68
C LEU A 263 11.49 10.52 16.87
N LEU A 264 11.19 11.43 15.96
CA LEU A 264 11.69 12.79 16.08
C LEU A 264 10.53 13.60 16.60
N GLU A 265 10.81 14.86 16.92
CA GLU A 265 9.79 15.82 17.35
C GLU A 265 8.63 15.91 16.35
N TYR A 266 8.94 15.90 15.04
CA TYR A 266 7.93 16.03 13.99
C TYR A 266 6.97 14.85 14.02
N ASP A 267 7.51 13.66 14.27
CA ASP A 267 6.73 12.43 14.38
C ASP A 267 5.82 12.52 15.59
N ARG A 268 6.32 13.04 16.72
CA ARG A 268 5.49 13.16 17.93
C ARG A 268 4.32 14.12 17.71
N LEU A 269 4.61 15.23 17.04
CA LEU A 269 3.59 16.23 16.72
C LEU A 269 2.52 15.64 15.78
N VAL A 270 2.95 14.94 14.75
CA VAL A 270 2.03 14.26 13.84
C VAL A 270 1.17 13.29 14.63
N ASP A 271 1.81 12.51 15.49
CA ASP A 271 1.09 11.52 16.29
C ASP A 271 0.05 12.17 17.21
N GLU A 272 0.46 13.22 17.93
CA GLU A 272 -0.40 13.92 18.86
C GLU A 272 -1.62 14.54 18.17
N SER A 273 -1.42 15.06 16.95
CA SER A 273 -2.53 15.67 16.19
C SER A 273 -3.39 14.69 15.38
N SER A 274 -2.99 13.42 15.31
CA SER A 274 -3.66 12.44 14.47
C SER A 274 -5.01 12.02 15.09
N ALA A 275 -5.82 11.30 14.30
CA ALA A 275 -7.08 10.73 14.78
C ALA A 275 -6.87 9.67 15.87
N ASN A 276 -5.67 9.07 15.89
CA ASN A 276 -5.37 7.88 16.71
C ASN A 276 -3.98 7.96 17.42
N PRO A 277 -3.81 8.89 18.39
CA PRO A 277 -2.47 9.08 18.97
C PRO A 277 -1.91 7.83 19.65
N GLY A 278 -0.65 7.52 19.34
CA GLY A 278 0.03 6.33 19.83
C GLY A 278 -0.21 5.10 18.99
N GLN A 279 -1.06 5.20 17.96
CA GLN A 279 -1.36 4.03 17.12
C GLN A 279 -0.84 4.19 15.70
N GLN A 280 -0.57 3.06 15.04
CA GLN A 280 -0.08 3.05 13.67
C GLN A 280 1.21 3.86 13.58
N LEU A 281 2.06 3.75 14.60
CA LEU A 281 3.27 4.57 14.62
C LEU A 281 4.17 4.31 13.42
N TYR A 282 4.26 3.06 12.99
CA TYR A 282 5.11 2.66 11.87
C TYR A 282 4.62 3.25 10.56
N GLU A 283 3.33 3.05 10.28
CA GLU A 283 2.69 3.65 9.14
C GLU A 283 2.79 5.17 9.10
N LYS A 284 2.73 5.77 10.29
CA LYS A 284 3.00 7.19 10.44
C LYS A 284 4.38 7.65 9.99
N LEU A 285 5.37 6.76 10.10
CA LEU A 285 6.72 7.07 9.66
C LEU A 285 6.85 6.92 8.19
N ILE A 286 6.00 6.10 7.59
CA ILE A 286 6.20 5.73 6.19
C ILE A 286 5.16 6.23 5.19
N GLY A 287 3.87 6.06 5.50
CA GLY A 287 2.79 6.31 4.56
C GLY A 287 2.69 7.74 4.07
N GLY A 288 2.09 7.89 2.89
CA GLY A 288 1.84 9.19 2.32
C GLY A 288 0.82 10.02 3.07
N LYS A 289 -0.02 9.39 3.88
CA LYS A 289 -0.98 10.12 4.70
C LYS A 289 -0.32 11.28 5.44
N TYR A 290 0.87 11.04 5.99
CA TYR A 290 1.53 12.02 6.86
C TYR A 290 2.86 12.55 6.34
N MET A 291 3.31 12.09 5.17
CA MET A 291 4.62 12.49 4.67
C MET A 291 4.73 14.01 4.44
N GLY A 292 3.68 14.59 3.86
CA GLY A 292 3.66 16.03 3.57
C GLY A 292 3.61 16.81 4.87
N GLU A 293 2.84 16.30 5.84
CA GLU A 293 2.75 16.93 7.13
C GLU A 293 4.10 16.93 7.84
N LEU A 294 4.84 15.81 7.76
CA LEU A 294 6.20 15.74 8.27
C LEU A 294 7.08 16.81 7.67
N VAL A 295 7.05 16.91 6.35
CA VAL A 295 7.84 17.92 5.64
C VAL A 295 7.45 19.32 6.17
N ARG A 296 6.14 19.59 6.24
CA ARG A 296 5.65 20.91 6.65
C ARG A 296 6.27 21.27 8.01
N LEU A 297 6.29 20.31 8.93
CA LEU A 297 6.82 20.54 10.27
C LEU A 297 8.33 20.78 10.24
N VAL A 298 9.05 20.06 9.38
CA VAL A 298 10.49 20.30 9.19
C VAL A 298 10.74 21.73 8.70
N LEU A 299 9.98 22.15 7.69
CA LEU A 299 10.10 23.52 7.14
C LEU A 299 9.86 24.57 8.20
N LEU A 300 8.87 24.36 9.08
CA LEU A 300 8.57 25.35 10.12
C LEU A 300 9.68 25.43 11.16
N ARG A 301 10.27 24.29 11.47
CA ARG A 301 11.46 24.24 12.32
C ARG A 301 12.56 25.10 11.69
N LEU A 302 12.86 24.86 10.41
CA LEU A 302 13.89 25.63 9.72
C LEU A 302 13.60 27.14 9.69
N VAL A 303 12.34 27.47 9.42
CA VAL A 303 11.83 28.83 9.47
C VAL A 303 12.12 29.46 10.86
N ASP A 304 11.72 28.75 11.90
CA ASP A 304 11.87 29.23 13.26
C ASP A 304 13.32 29.35 13.69
N GLU A 305 14.19 28.48 13.15
CA GLU A 305 15.64 28.58 13.36
C GLU A 305 16.24 29.66 12.46
N ASN A 306 15.37 30.39 11.75
CA ASN A 306 15.75 31.46 10.83
C ASN A 306 16.66 30.97 9.69
N LEU A 307 16.41 29.75 9.22
CA LEU A 307 17.24 29.13 8.18
C LEU A 307 16.55 29.08 6.84
N LEU A 308 15.26 29.41 6.83
CA LEU A 308 14.43 29.28 5.65
C LEU A 308 13.39 30.41 5.58
N PHE A 309 13.07 30.84 4.35
CA PHE A 309 12.14 31.94 4.05
C PHE A 309 12.39 33.19 4.91
N HIS A 310 13.66 33.43 5.21
CA HIS A 310 14.14 34.50 6.09
C HIS A 310 13.33 34.60 7.40
N GLY A 311 13.06 33.45 7.99
CA GLY A 311 12.34 33.33 9.25
C GLY A 311 10.85 33.63 9.20
N GLU A 312 10.31 33.84 8.00
CA GLU A 312 8.89 34.12 7.84
C GLU A 312 8.11 33.04 7.10
N ALA A 313 7.22 32.38 7.81
CA ALA A 313 6.32 31.43 7.18
C ALA A 313 5.02 32.11 6.74
N SER A 314 4.43 31.62 5.66
CA SER A 314 3.10 32.02 5.23
C SER A 314 2.02 31.33 6.07
N GLU A 315 0.80 31.84 5.98
CA GLU A 315 -0.33 31.27 6.71
C GLU A 315 -0.68 29.86 6.20
N GLN A 316 -0.64 29.65 4.89
CA GLN A 316 -0.82 28.30 4.35
C GLN A 316 0.21 27.32 4.90
N LEU A 317 1.48 27.72 4.98
CA LEU A 317 2.50 26.86 5.58
C LEU A 317 2.22 26.52 7.06
N ARG A 318 1.58 27.47 7.75
CA ARG A 318 1.27 27.27 9.16
C ARG A 318 -0.01 26.46 9.37
N THR A 319 -0.64 26.03 8.27
CA THR A 319 -1.90 25.31 8.30
C THR A 319 -1.68 23.80 8.15
N ARG A 320 -2.25 23.06 9.10
CA ARG A 320 -2.18 21.63 9.13
C ARG A 320 -2.70 21.03 7.82
N GLY A 321 -1.90 20.14 7.22
CA GLY A 321 -2.27 19.53 5.94
C GLY A 321 -1.99 20.31 4.64
N ALA A 322 -1.49 21.54 4.76
CA ALA A 322 -1.24 22.38 3.57
C ALA A 322 -0.12 21.84 2.71
N PHE A 323 0.91 21.25 3.33
CA PHE A 323 1.96 20.65 2.53
C PHE A 323 1.56 19.21 2.18
N GLU A 324 1.00 19.07 0.98
CA GLU A 324 0.48 17.79 0.53
C GLU A 324 1.61 16.84 0.21
N THR A 325 1.39 15.56 0.47
CA THR A 325 2.34 14.53 0.10
C THR A 325 2.77 14.58 -1.37
N ARG A 326 1.82 14.85 -2.28
CA ARG A 326 2.16 14.94 -3.73
C ARG A 326 3.24 16.02 -3.94
N PHE A 327 3.25 17.05 -3.09
CA PHE A 327 4.22 18.15 -3.18
C PHE A 327 5.62 17.65 -2.89
N VAL A 328 5.74 16.66 -2.02
CA VAL A 328 7.03 16.02 -1.71
C VAL A 328 7.61 15.39 -2.97
N SER A 329 6.80 14.60 -3.69
CA SER A 329 7.29 13.99 -4.93
C SER A 329 7.55 15.03 -6.00
N GLN A 330 6.64 16.00 -6.12
CA GLN A 330 6.83 17.12 -7.05
C GLN A 330 8.14 17.88 -6.82
N VAL A 331 8.44 18.18 -5.55
CA VAL A 331 9.71 18.85 -5.22
C VAL A 331 10.93 17.99 -5.60
N GLU A 332 10.83 16.71 -5.29
CA GLU A 332 11.87 15.74 -5.60
C GLU A 332 11.97 15.47 -7.11
N SER A 333 10.93 15.83 -7.85
CA SER A 333 10.94 15.69 -9.33
C SER A 333 11.68 16.83 -10.02
N ASP A 334 11.96 17.89 -9.27
CA ASP A 334 12.53 19.09 -9.84
C ASP A 334 13.81 18.80 -10.57
N THR A 335 13.88 19.35 -11.78
CA THR A 335 14.88 19.02 -12.75
C THR A 335 16.26 19.62 -12.40
N GLY A 336 16.27 20.60 -11.50
CA GLY A 336 17.47 21.37 -11.18
C GLY A 336 17.31 22.88 -11.37
N ASP A 337 16.26 23.29 -12.10
CA ASP A 337 16.00 24.73 -12.36
C ASP A 337 15.21 25.41 -11.24
N ARG A 338 14.55 24.60 -10.41
CA ARG A 338 13.77 25.01 -9.23
C ARG A 338 12.35 25.46 -9.56
N LYS A 339 11.95 25.29 -10.82
CA LYS A 339 10.63 25.69 -11.32
C LYS A 339 9.49 24.97 -10.62
N GLN A 340 9.57 23.65 -10.55
CA GLN A 340 8.56 22.83 -9.86
C GLN A 340 8.46 23.22 -8.38
N ILE A 341 9.60 23.49 -7.76
CA ILE A 341 9.67 23.83 -6.34
C ILE A 341 9.11 25.24 -6.12
N TYR A 342 9.57 26.19 -6.93
CA TYR A 342 9.06 27.55 -6.90
C TYR A 342 7.55 27.53 -7.05
N ASN A 343 7.06 26.77 -8.02
CA ASN A 343 5.64 26.66 -8.29
C ASN A 343 4.83 26.17 -7.08
N ILE A 344 5.27 25.05 -6.46
CA ILE A 344 4.66 24.53 -5.24
C ILE A 344 4.67 25.58 -4.11
N LEU A 345 5.83 26.17 -3.86
CA LEU A 345 6.01 27.08 -2.73
C LEU A 345 5.28 28.40 -2.89
N SER A 346 5.19 28.87 -4.14
CA SER A 346 4.43 30.07 -4.47
C SER A 346 2.95 29.86 -4.18
N THR A 347 2.45 28.66 -4.50
CA THR A 347 1.07 28.25 -4.18
C THR A 347 0.79 28.25 -2.66
N LEU A 348 1.84 28.12 -1.86
CA LEU A 348 1.67 28.17 -0.40
C LEU A 348 1.88 29.56 0.14
N GLY A 349 1.91 30.55 -0.75
CA GLY A 349 2.04 31.95 -0.37
C GLY A 349 3.46 32.30 0.03
N LEU A 350 4.43 31.58 -0.50
CA LEU A 350 5.82 31.88 -0.20
C LEU A 350 6.50 32.49 -1.42
N ARG A 351 7.56 33.25 -1.17
CA ARG A 351 8.34 33.88 -2.23
C ARG A 351 9.77 33.37 -2.03
N PRO A 352 10.01 32.10 -2.39
CA PRO A 352 11.29 31.52 -2.02
C PRO A 352 12.48 31.99 -2.87
N SER A 353 13.62 32.19 -2.24
CA SER A 353 14.91 32.28 -2.94
C SER A 353 15.33 30.91 -3.51
N THR A 354 16.36 30.86 -4.35
CA THR A 354 16.91 29.59 -4.86
C THR A 354 17.43 28.71 -3.73
N THR A 355 18.11 29.31 -2.75
CA THR A 355 18.52 28.59 -1.55
C THR A 355 17.32 27.97 -0.80
N ASP A 356 16.26 28.75 -0.61
CA ASP A 356 15.02 28.23 0.00
C ASP A 356 14.50 26.98 -0.71
N CYS A 357 14.50 27.02 -2.05
CA CYS A 357 14.03 25.91 -2.86
C CYS A 357 14.86 24.67 -2.67
N ASP A 358 16.17 24.88 -2.57
CA ASP A 358 17.13 23.82 -2.34
C ASP A 358 16.96 23.23 -0.93
N ILE A 359 16.67 24.08 0.04
CA ILE A 359 16.49 23.60 1.41
C ILE A 359 15.24 22.72 1.47
N VAL A 360 14.17 23.15 0.79
CA VAL A 360 12.91 22.42 0.78
C VAL A 360 13.09 21.04 0.14
N ARG A 361 13.76 21.00 -1.01
CA ARG A 361 14.18 19.76 -1.67
C ARG A 361 14.86 18.76 -0.73
N ARG A 362 15.90 19.23 -0.05
CA ARG A 362 16.69 18.42 0.90
C ARG A 362 15.81 17.95 2.06
N ALA A 363 14.91 18.81 2.51
CA ALA A 363 13.95 18.46 3.56
C ALA A 363 13.00 17.35 3.08
N CYS A 364 12.49 17.49 1.86
CA CYS A 364 11.64 16.45 1.25
C CYS A 364 12.41 15.13 1.12
N GLU A 365 13.65 15.21 0.64
CA GLU A 365 14.54 14.04 0.51
C GLU A 365 14.80 13.35 1.83
N SER A 366 15.12 14.12 2.88
CA SER A 366 15.35 13.54 4.19
C SER A 366 14.13 12.76 4.70
N VAL A 367 12.94 13.34 4.57
CA VAL A 367 11.72 12.68 5.01
C VAL A 367 11.46 11.39 4.21
N SER A 368 11.55 11.51 2.90
CA SER A 368 11.32 10.38 1.96
C SER A 368 12.30 9.25 2.19
N THR A 369 13.56 9.60 2.37
CA THR A 369 14.62 8.60 2.58
C THR A 369 14.38 7.90 3.90
N ARG A 370 13.97 8.64 4.93
CA ARG A 370 13.74 8.02 6.22
C ARG A 370 12.61 7.01 6.07
N ALA A 371 11.54 7.44 5.37
CA ALA A 371 10.42 6.57 5.05
C ALA A 371 10.85 5.30 4.34
N ALA A 372 11.67 5.45 3.29
CA ALA A 372 12.20 4.28 2.56
C ALA A 372 13.03 3.32 3.46
N HIS A 373 13.86 3.89 4.34
CA HIS A 373 14.65 3.08 5.28
C HIS A 373 13.81 2.33 6.28
N MET A 374 12.80 2.97 6.84
CA MET A 374 11.92 2.33 7.82
C MET A 374 11.17 1.20 7.17
N CYS A 375 10.70 1.48 5.96
CA CYS A 375 9.97 0.51 5.18
C CYS A 375 10.86 -0.67 4.79
N SER A 376 12.13 -0.41 4.52
CA SER A 376 13.05 -1.47 4.15
C SER A 376 13.34 -2.42 5.31
N ALA A 377 13.33 -1.91 6.53
CA ALA A 377 13.59 -2.72 7.72
C ALA A 377 12.45 -3.72 7.93
N GLY A 378 11.21 -3.29 7.59
CA GLY A 378 10.04 -4.14 7.70
C GLY A 378 10.13 -5.23 6.68
N LEU A 379 10.35 -4.85 5.42
CA LEU A 379 10.42 -5.83 4.35
C LEU A 379 11.59 -6.81 4.56
N ALA A 380 12.77 -6.29 4.88
CA ALA A 380 13.92 -7.16 5.21
C ALA A 380 13.59 -8.16 6.30
N GLY A 381 12.91 -7.70 7.35
CA GLY A 381 12.37 -8.58 8.38
C GLY A 381 11.52 -9.72 7.84
N VAL A 382 10.62 -9.43 6.91
CA VAL A 382 9.78 -10.46 6.29
C VAL A 382 10.65 -11.40 5.47
N ILE A 383 11.54 -10.83 4.64
CA ILE A 383 12.37 -11.64 3.75
C ILE A 383 13.36 -12.55 4.52
N ASN A 384 13.93 -12.02 5.60
CA ASN A 384 14.83 -12.82 6.44
C ASN A 384 14.12 -13.95 7.15
N ARG A 385 12.93 -13.65 7.70
CA ARG A 385 12.07 -14.67 8.28
C ARG A 385 11.78 -15.77 7.24
N MET A 386 11.37 -15.38 6.03
CA MET A 386 11.06 -16.36 4.99
C MET A 386 12.26 -17.25 4.66
N ARG A 387 13.44 -16.63 4.65
CA ARG A 387 14.68 -17.34 4.40
C ARG A 387 14.97 -18.42 5.47
N GLU A 388 14.82 -18.08 6.75
CA GLU A 388 15.01 -19.06 7.86
C GLU A 388 14.11 -20.27 7.66
N SER A 389 12.86 -19.98 7.34
CA SER A 389 11.78 -20.93 7.22
C SER A 389 11.90 -21.93 6.07
N ARG A 390 13.11 -22.07 5.49
CA ARG A 390 13.37 -22.99 4.37
C ARG A 390 14.79 -23.59 4.42
N VAL A 394 20.66 -19.60 0.64
CA VAL A 394 20.42 -18.66 -0.50
C VAL A 394 18.93 -18.70 -0.94
N MET A 395 18.30 -17.51 -1.07
CA MET A 395 16.87 -17.41 -1.50
C MET A 395 16.56 -16.35 -2.58
N ARG A 396 16.03 -16.80 -3.72
CA ARG A 396 15.56 -15.93 -4.80
C ARG A 396 14.06 -15.70 -4.60
N ILE A 397 13.64 -14.43 -4.56
CA ILE A 397 12.25 -14.06 -4.27
C ILE A 397 11.83 -12.84 -5.07
N THR A 398 10.60 -12.89 -5.57
CA THR A 398 9.99 -11.71 -6.15
C THR A 398 9.03 -11.05 -5.15
N VAL A 399 9.09 -9.73 -5.10
CA VAL A 399 8.23 -8.90 -4.27
C VAL A 399 7.41 -8.04 -5.20
N GLY A 400 6.08 -8.14 -5.08
CA GLY A 400 5.16 -7.31 -5.84
C GLY A 400 4.89 -6.07 -5.04
N VAL A 401 4.98 -4.90 -5.66
CA VAL A 401 4.80 -3.65 -4.92
C VAL A 401 3.85 -2.73 -5.65
N ASP A 402 2.97 -2.07 -4.89
CA ASP A 402 2.10 -1.03 -5.40
C ASP A 402 2.08 0.16 -4.42
N GLY A 403 1.39 1.22 -4.80
CA GLY A 403 1.24 2.41 -3.95
C GLY A 403 1.85 3.68 -4.55
N SER A 404 1.17 4.81 -4.34
CA SER A 404 1.61 6.08 -4.88
C SER A 404 3.03 6.45 -4.44
N VAL A 405 3.39 6.15 -3.19
CA VAL A 405 4.73 6.56 -2.68
C VAL A 405 5.82 5.79 -3.40
N TYR A 406 5.61 4.48 -3.49
CA TYR A 406 6.56 3.64 -4.18
C TYR A 406 6.60 3.93 -5.69
N LYS A 407 5.44 4.15 -6.30
CA LYS A 407 5.40 4.31 -7.74
C LYS A 407 5.90 5.70 -8.16
N LEU A 408 5.42 6.72 -7.45
CA LEU A 408 5.55 8.10 -7.90
C LEU A 408 6.67 8.94 -7.28
N HIS A 409 7.16 8.60 -6.08
CA HIS A 409 8.20 9.43 -5.45
C HIS A 409 9.59 9.11 -6.00
N PRO A 410 10.30 10.12 -6.53
CA PRO A 410 11.60 9.84 -7.18
C PRO A 410 12.60 9.28 -6.17
N SER A 411 13.28 8.21 -6.54
CA SER A 411 14.31 7.63 -5.72
C SER A 411 13.79 6.88 -4.51
N PHE A 412 12.48 6.96 -4.21
CA PHE A 412 11.93 6.18 -3.08
C PHE A 412 12.25 4.71 -3.34
N LYS A 413 11.82 4.21 -4.50
CA LYS A 413 11.92 2.80 -4.80
C LYS A 413 13.39 2.35 -4.83
N GLU A 414 14.27 3.17 -5.41
CA GLU A 414 15.67 2.82 -5.52
C GLU A 414 16.35 2.79 -4.16
N ARG A 415 16.05 3.78 -3.33
CA ARG A 415 16.62 3.80 -1.97
C ARG A 415 16.07 2.63 -1.18
N PHE A 416 14.76 2.39 -1.33
CA PHE A 416 14.10 1.26 -0.70
C PHE A 416 14.77 -0.06 -1.12
N HIS A 417 14.93 -0.29 -2.42
CA HIS A 417 15.59 -1.51 -2.92
C HIS A 417 16.98 -1.67 -2.34
N ALA A 418 17.77 -0.60 -2.40
CA ALA A 418 19.17 -0.69 -1.99
C ALA A 418 19.28 -1.04 -0.53
N SER A 419 18.41 -0.45 0.28
CA SER A 419 18.36 -0.67 1.72
C SER A 419 17.89 -2.09 2.08
N VAL A 420 16.88 -2.59 1.37
CA VAL A 420 16.33 -3.92 1.60
C VAL A 420 17.42 -4.93 1.29
N ARG A 421 18.08 -4.74 0.15
CA ARG A 421 19.14 -5.65 -0.30
C ARG A 421 20.27 -5.68 0.68
N ARG A 422 20.71 -4.53 1.18
CA ARG A 422 21.76 -4.45 2.20
C ARG A 422 21.41 -5.29 3.43
N LEU A 423 20.13 -5.29 3.81
CA LEU A 423 19.67 -5.96 5.02
C LEU A 423 19.32 -7.42 4.85
N THR A 424 19.37 -7.91 3.61
CA THR A 424 19.02 -9.29 3.30
C THR A 424 20.14 -10.02 2.54
N PRO A 425 21.32 -10.22 3.17
CA PRO A 425 22.35 -10.95 2.41
C PRO A 425 21.93 -12.41 2.21
N SER A 426 22.35 -13.02 1.10
CA SER A 426 21.93 -14.39 0.73
C SER A 426 20.47 -14.45 0.25
N CYS A 427 19.88 -13.29 -0.03
CA CYS A 427 18.63 -13.25 -0.74
C CYS A 427 18.83 -12.47 -2.02
N GLU A 428 18.26 -12.98 -3.12
CA GLU A 428 18.21 -12.20 -4.36
C GLU A 428 16.76 -11.79 -4.54
N ILE A 429 16.52 -10.50 -4.43
CA ILE A 429 15.18 -9.97 -4.45
C ILE A 429 14.90 -9.28 -5.75
N THR A 430 13.83 -9.70 -6.39
CA THR A 430 13.34 -9.01 -7.58
C THR A 430 12.11 -8.25 -7.14
N PHE A 431 12.04 -6.97 -7.53
CA PHE A 431 10.86 -6.14 -7.29
C PHE A 431 10.09 -5.95 -8.59
N ILE A 432 8.78 -6.15 -8.54
CA ILE A 432 7.93 -5.78 -9.67
C ILE A 432 6.72 -4.98 -9.24
N GLU A 433 6.29 -4.13 -10.15
CA GLU A 433 5.09 -3.38 -9.95
C GLU A 433 3.87 -4.03 -10.52
N SER A 434 2.80 -3.89 -9.74
CA SER A 434 1.44 -4.08 -10.16
C SER A 434 1.23 -3.13 -11.35
N GLU A 435 1.04 -3.73 -12.53
CA GLU A 435 0.72 -2.98 -13.74
C GLU A 435 -0.48 -3.63 -14.41
N GLU A 436 -1.46 -2.81 -14.79
CA GLU A 436 -2.78 -3.29 -15.22
C GLU A 436 -2.70 -4.23 -16.43
N GLY A 437 -1.81 -3.89 -17.36
CA GLY A 437 -1.56 -4.67 -18.57
C GLY A 437 -2.84 -4.86 -19.36
N SER A 438 -3.30 -6.11 -19.38
CA SER A 438 -4.53 -6.49 -20.08
C SER A 438 -5.69 -6.83 -19.11
N GLY A 439 -5.46 -6.65 -17.80
CA GLY A 439 -6.45 -6.96 -16.77
C GLY A 439 -6.42 -8.40 -16.30
N ARG A 440 -5.37 -9.14 -16.68
CA ARG A 440 -5.25 -10.57 -16.34
C ARG A 440 -4.75 -10.85 -14.94
N GLY A 441 -3.83 -10.03 -14.43
CA GLY A 441 -3.45 -10.06 -13.03
C GLY A 441 -4.68 -9.82 -12.16
N ALA A 442 -5.53 -8.87 -12.57
CA ALA A 442 -6.81 -8.59 -11.89
C ALA A 442 -7.83 -9.71 -11.97
N ALA A 443 -7.91 -10.37 -13.13
CA ALA A 443 -8.71 -11.59 -13.29
C ALA A 443 -8.26 -12.64 -12.27
N LEU A 444 -6.94 -12.78 -12.12
CA LEU A 444 -6.38 -13.76 -11.17
C LEU A 444 -6.74 -13.42 -9.72
N VAL A 445 -6.65 -12.15 -9.37
CA VAL A 445 -7.08 -11.66 -8.05
C VAL A 445 -8.52 -12.09 -7.77
N SER A 446 -9.41 -11.83 -8.72
CA SER A 446 -10.82 -12.22 -8.57
C SER A 446 -11.01 -13.71 -8.50
N ALA A 447 -10.25 -14.45 -9.32
CA ALA A 447 -10.27 -15.93 -9.26
C ALA A 447 -9.96 -16.41 -7.84
N VAL A 448 -8.88 -15.90 -7.28
CA VAL A 448 -8.41 -16.37 -5.99
C VAL A 448 -9.43 -15.98 -4.92
N ALA A 449 -9.91 -14.73 -4.98
CA ALA A 449 -10.89 -14.24 -4.00
C ALA A 449 -12.21 -15.07 -4.05
N CYS A 450 -12.68 -15.40 -5.24
CA CYS A 450 -13.89 -16.22 -5.40
C CYS A 450 -13.66 -17.66 -4.92
N LYS A 451 -12.51 -18.23 -5.27
CA LYS A 451 -12.14 -19.58 -4.85
C LYS A 451 -11.99 -19.67 -3.32
N LYS A 452 -11.35 -18.69 -2.70
CA LYS A 452 -11.28 -18.57 -1.24
C LYS A 452 -12.67 -18.50 -0.60
N ALA A 453 -13.54 -17.61 -1.10
CA ALA A 453 -14.90 -17.49 -0.62
C ALA A 453 -15.62 -18.85 -0.67
N CYS A 454 -15.56 -19.51 -1.82
CA CYS A 454 -16.15 -20.85 -2.01
C CYS A 454 -15.63 -21.87 -0.99
N MET A 455 -14.30 -22.05 -0.95
CA MET A 455 -13.58 -22.83 0.07
C MET A 455 -14.06 -22.53 1.50
N LEU A 456 -14.38 -21.27 1.79
CA LEU A 456 -14.87 -20.84 3.12
C LEU A 456 -16.41 -20.96 3.33
N GLY A 457 -17.08 -21.67 2.42
CA GLY A 457 -18.54 -21.85 2.48
C GLY A 457 -19.28 -20.64 1.96
#